data_6T8Q
#
_entry.id   6T8Q
#
_cell.length_a   144.829
_cell.length_b   144.829
_cell.length_c   139.653
_cell.angle_alpha   90.000
_cell.angle_beta   90.000
_cell.angle_gamma   120.000
#
_symmetry.space_group_name_H-M   'P 65 2 2'
#
loop_
_entity.id
_entity.type
_entity.pdbx_description
1 polymer 'Kynurenine/alpha-aminoadipate aminotransferase, mitochondrial'
2 non-polymer (2~{R})-1-[6-methyl-5-(oxan-4-yl)-7-oxidanylidene-[1,3]thiazolo[5,4-d]pyrimidin-2-yl]-~{N}-(phenylmethyl)pyrrolidine-2-carboxamide
3 non-polymer 'CADMIUM ION'
4 non-polymer 'CHLORIDE ION'
5 non-polymer 'ACETATE ION'
6 water water
#
_entity_poly.entity_id   1
_entity_poly.type   'polypeptide(L)'
_entity_poly.pdbx_seq_one_letter_code
;MSYYHHHHHHDYDIPTTENLYFQGAMEMNYARFITAASAARNPSPIRTMTDILSRGPKSMISLAGGLPNPNMFPFKTAVI
TVENGKTIQFGEEMMKRALQYSPSAGIPELLSWLKQLQIKLHNPPTIHYPPSQGQMDLCVTSGSQQGLCKVFEMIINPGD
NVLLDEPAYSGTLQSLHPLGCNIINVASDESGIVPDSLRDILSRWKPEDAKNPQKNTPKFLYTVPNGNNPTGNSLTSERK
KEIYELARKYDFLIIEDDPYYFLQFNKFRVPTFLSMDVDGRVIRADSFS(LLP)IISSGLRIGFLTGPKPLIERVILHIQ
VSTLHPSTFNQLMISQLLHEWGEEGFMAHVDRVIDFYSNQKDAILAAADKWLTGLAEWHVPAAGMFLWIKVKGINDVKEL
IEEKAVKMGVLMLPGNAFYVDSSAPSPYLRASFSSASPEQMDVAFQVLAQLIKESL
;
_entity_poly.pdbx_strand_id   A
#
# COMPACT_ATOMS: atom_id res chain seq x y z
N ALA A 25 2.80 -13.88 22.35
CA ALA A 25 1.46 -13.47 21.81
C ALA A 25 0.63 -12.66 22.83
N MET A 26 0.66 -11.33 22.67
CA MET A 26 -0.19 -10.42 23.46
C MET A 26 -1.65 -10.54 22.99
N GLU A 27 -2.58 -10.68 23.95
CA GLU A 27 -4.01 -10.84 23.64
C GLU A 27 -4.61 -9.51 23.16
N MET A 28 -4.96 -9.45 21.86
CA MET A 28 -5.52 -8.24 21.24
C MET A 28 -7.01 -8.07 21.53
N ASN A 29 -7.43 -6.81 21.48
CA ASN A 29 -8.81 -6.39 21.68
C ASN A 29 -9.17 -5.56 20.45
N TYR A 30 -9.57 -6.24 19.38
CA TYR A 30 -9.80 -5.58 18.10
C TYR A 30 -10.95 -4.57 18.11
N ALA A 31 -11.91 -4.71 19.04
CA ALA A 31 -13.01 -3.73 19.24
C ALA A 31 -12.52 -2.30 19.44
N ARG A 32 -11.38 -2.19 20.11
CA ARG A 32 -10.66 -0.94 20.28
C ARG A 32 -10.27 -0.24 18.97
N PHE A 33 -10.02 -0.99 17.91
CA PHE A 33 -9.67 -0.44 16.58
C PHE A 33 -10.80 -0.48 15.54
N ILE A 34 -12.04 -0.68 15.96
CA ILE A 34 -13.19 -0.71 15.07
C ILE A 34 -14.15 0.38 15.58
N THR A 35 -14.59 1.28 14.70
CA THR A 35 -15.60 2.28 15.07
C THR A 35 -16.97 1.65 15.31
N ALA A 36 -17.82 2.36 16.02
CA ALA A 36 -19.22 1.94 16.24
C ALA A 36 -19.98 1.70 14.91
N ALA A 37 -19.72 2.56 13.90
CA ALA A 37 -20.31 2.40 12.56
C ALA A 37 -19.83 1.12 11.88
N SER A 38 -18.51 0.92 11.87
CA SER A 38 -17.89 -0.30 11.33
C SER A 38 -18.39 -1.60 12.01
N ALA A 39 -18.51 -1.57 13.33
CA ALA A 39 -19.02 -2.72 14.07
C ALA A 39 -20.49 -3.02 13.77
N ALA A 40 -21.26 -1.99 13.42
CA ALA A 40 -22.67 -2.13 13.09
C ALA A 40 -22.93 -2.85 11.78
N ARG A 41 -21.93 -2.96 10.90
CA ARG A 41 -22.08 -3.63 9.62
C ARG A 41 -22.42 -5.13 9.81
N ASN A 42 -23.59 -5.52 9.30
CA ASN A 42 -24.11 -6.90 9.40
C ASN A 42 -23.64 -7.72 8.20
N PRO A 43 -23.70 -9.06 8.30
CA PRO A 43 -23.28 -9.89 7.15
C PRO A 43 -24.24 -9.81 5.98
N SER A 44 -23.72 -10.12 4.79
CA SER A 44 -24.51 -10.12 3.57
C SER A 44 -25.62 -11.19 3.65
N PRO A 45 -26.84 -10.85 3.18
CA PRO A 45 -27.85 -11.87 2.86
C PRO A 45 -27.38 -12.89 1.83
N ILE A 46 -26.51 -12.47 0.92
CA ILE A 46 -25.88 -13.37 -0.05
C ILE A 46 -25.12 -14.51 0.64
N ARG A 47 -24.37 -14.24 1.70
CA ARG A 47 -23.60 -15.30 2.38
C ARG A 47 -24.51 -16.30 3.11
N THR A 48 -25.58 -15.80 3.73
CA THR A 48 -26.65 -16.61 4.33
C THR A 48 -27.24 -17.62 3.34
N MET A 49 -27.54 -17.16 2.13
CA MET A 49 -28.04 -18.00 1.07
C MET A 49 -27.03 -19.09 0.66
N THR A 50 -25.80 -18.69 0.30
CA THR A 50 -24.75 -19.61 -0.16
C THR A 50 -24.44 -20.71 0.88
N ASP A 51 -24.51 -20.37 2.16
CA ASP A 51 -24.36 -21.34 3.26
C ASP A 51 -25.55 -22.30 3.37
N ILE A 52 -26.77 -21.81 3.16
CA ILE A 52 -27.98 -22.67 3.04
C ILE A 52 -27.86 -23.63 1.84
N LEU A 53 -27.48 -23.10 0.67
CA LEU A 53 -27.22 -23.92 -0.53
C LEU A 53 -26.14 -25.01 -0.37
N SER A 54 -25.16 -24.80 0.51
CA SER A 54 -24.17 -25.84 0.86
C SER A 54 -24.76 -26.94 1.75
N ARG A 55 -25.58 -26.56 2.73
CA ARG A 55 -26.30 -27.52 3.59
C ARG A 55 -27.60 -27.94 2.88
N GLY A 56 -27.44 -28.70 1.81
CA GLY A 56 -28.50 -28.98 0.82
C GLY A 56 -27.92 -29.58 -0.46
N PRO A 57 -28.77 -30.24 -1.28
CA PRO A 57 -28.25 -31.02 -2.41
C PRO A 57 -27.75 -30.15 -3.58
N LYS A 58 -26.79 -30.68 -4.33
CA LYS A 58 -26.17 -29.97 -5.45
C LYS A 58 -27.14 -29.81 -6.62
N SER A 59 -27.90 -30.88 -6.90
CA SER A 59 -29.06 -30.83 -7.82
C SER A 59 -30.11 -29.89 -7.23
N MET A 60 -30.05 -28.63 -7.67
CA MET A 60 -30.75 -27.51 -7.02
C MET A 60 -31.29 -26.54 -8.06
N ILE A 61 -32.52 -26.12 -7.85
CA ILE A 61 -33.14 -25.07 -8.65
C ILE A 61 -33.27 -23.90 -7.67
N SER A 62 -32.43 -22.90 -7.85
CA SER A 62 -32.45 -21.68 -7.03
C SER A 62 -32.92 -20.52 -7.89
N LEU A 63 -34.01 -19.92 -7.44
CA LEU A 63 -34.47 -18.61 -7.90
C LEU A 63 -34.21 -17.57 -6.79
N ALA A 64 -33.30 -17.86 -5.84
CA ALA A 64 -33.09 -17.02 -4.65
C ALA A 64 -32.02 -15.94 -4.86
N GLY A 65 -31.16 -16.10 -5.85
CA GLY A 65 -30.12 -15.14 -6.14
C GLY A 65 -30.57 -13.98 -6.99
N GLY A 66 -29.66 -12.99 -7.04
CA GLY A 66 -29.81 -11.80 -7.86
C GLY A 66 -28.81 -11.68 -8.98
N LEU A 67 -28.25 -12.79 -9.47
CA LEU A 67 -27.35 -12.70 -10.62
C LEU A 67 -28.18 -12.44 -11.89
N PRO A 68 -27.74 -11.47 -12.73
CA PRO A 68 -28.34 -11.35 -14.05
C PRO A 68 -27.85 -12.46 -14.94
N ASN A 69 -28.57 -12.67 -16.04
CA ASN A 69 -28.22 -13.70 -16.99
C ASN A 69 -26.96 -13.27 -17.78
N PRO A 70 -25.84 -14.02 -17.64
CA PRO A 70 -24.60 -13.62 -18.31
C PRO A 70 -24.56 -13.87 -19.85
N ASN A 71 -25.48 -14.68 -20.38
CA ASN A 71 -25.59 -14.84 -21.85
C ASN A 71 -26.10 -13.61 -22.59
N MET A 72 -26.65 -12.65 -21.86
CA MET A 72 -26.97 -11.35 -22.42
C MET A 72 -25.77 -10.43 -22.62
N PHE A 73 -24.60 -10.75 -22.06
CA PHE A 73 -23.45 -9.84 -22.11
C PHE A 73 -22.76 -9.93 -23.50
N PRO A 74 -22.37 -8.77 -24.08
CA PRO A 74 -21.91 -8.73 -25.47
C PRO A 74 -20.45 -9.14 -25.71
N PHE A 75 -19.61 -9.21 -24.68
CA PHE A 75 -18.24 -9.77 -24.82
C PHE A 75 -18.29 -11.31 -24.69
N LYS A 76 -17.74 -12.04 -25.68
CA LYS A 76 -17.88 -13.51 -25.77
C LYS A 76 -16.64 -14.35 -25.53
N THR A 77 -15.51 -13.97 -26.15
CA THR A 77 -14.20 -14.60 -25.88
C THR A 77 -13.14 -13.53 -25.72
N ALA A 78 -12.03 -13.92 -25.10
CA ALA A 78 -10.84 -13.05 -24.96
C ALA A 78 -9.54 -13.85 -25.12
N VAL A 79 -8.61 -13.31 -25.91
CA VAL A 79 -7.23 -13.80 -26.07
C VAL A 79 -6.36 -12.63 -25.63
N ILE A 80 -5.43 -12.87 -24.71
CA ILE A 80 -4.52 -11.81 -24.18
C ILE A 80 -3.09 -12.37 -24.20
N THR A 81 -2.19 -11.71 -24.95
CA THR A 81 -0.78 -12.13 -25.01
C THR A 81 0.01 -11.57 -23.81
N VAL A 82 1.08 -12.28 -23.48
CA VAL A 82 1.77 -12.20 -22.20
C VAL A 82 3.30 -12.25 -22.43
N GLU A 83 4.10 -11.63 -21.55
CA GLU A 83 5.57 -11.87 -21.52
C GLU A 83 5.86 -13.26 -20.93
N ASN A 84 6.82 -13.99 -21.51
CA ASN A 84 7.37 -15.26 -20.94
C ASN A 84 6.31 -16.19 -20.30
N GLY A 85 5.19 -16.34 -21.02
CA GLY A 85 4.04 -17.12 -20.57
C GLY A 85 3.12 -17.51 -21.71
N LYS A 86 2.51 -18.69 -21.57
CA LYS A 86 1.42 -19.12 -22.45
C LYS A 86 0.31 -18.04 -22.49
N THR A 87 -0.15 -17.71 -23.70
CA THR A 87 -1.28 -16.79 -23.93
C THR A 87 -2.46 -17.15 -23.02
N ILE A 88 -3.13 -16.11 -22.50
CA ILE A 88 -4.31 -16.27 -21.65
C ILE A 88 -5.53 -16.24 -22.57
N GLN A 89 -6.39 -17.26 -22.42
CA GLN A 89 -7.60 -17.40 -23.20
C GLN A 89 -8.82 -17.55 -22.28
N PHE A 90 -9.82 -16.69 -22.49
CA PHE A 90 -11.15 -16.89 -21.91
C PHE A 90 -12.06 -17.48 -22.97
N GLY A 91 -12.32 -18.79 -22.85
CA GLY A 91 -13.43 -19.45 -23.56
C GLY A 91 -14.81 -18.88 -23.23
N GLU A 92 -15.83 -19.41 -23.90
CA GLU A 92 -17.20 -18.89 -23.73
C GLU A 92 -17.67 -18.94 -22.25
N GLU A 93 -17.43 -20.05 -21.55
CA GLU A 93 -17.87 -20.25 -20.16
C GLU A 93 -17.05 -19.41 -19.16
N MET A 94 -15.73 -19.40 -19.32
CA MET A 94 -14.84 -18.55 -18.53
C MET A 94 -15.16 -17.06 -18.72
N MET A 95 -15.44 -16.64 -19.95
CA MET A 95 -15.89 -15.26 -20.20
C MET A 95 -17.19 -14.91 -19.44
N LYS A 96 -18.16 -15.81 -19.44
CA LYS A 96 -19.40 -15.59 -18.69
C LYS A 96 -19.14 -15.44 -17.18
N ARG A 97 -18.22 -16.23 -16.65
CA ARG A 97 -17.73 -16.04 -15.28
C ARG A 97 -17.02 -14.69 -15.09
N ALA A 98 -16.09 -14.38 -15.98
CA ALA A 98 -15.38 -13.09 -15.96
C ALA A 98 -16.27 -11.87 -16.01
N LEU A 99 -17.42 -11.97 -16.68
CA LEU A 99 -18.40 -10.86 -16.75
C LEU A 99 -19.48 -10.84 -15.66
N GLN A 100 -19.42 -11.78 -14.71
CA GLN A 100 -20.46 -11.97 -13.71
C GLN A 100 -19.89 -11.60 -12.34
N TYR A 101 -20.81 -11.26 -11.43
CA TYR A 101 -20.50 -11.02 -10.03
C TYR A 101 -19.75 -12.20 -9.43
N SER A 102 -18.95 -11.90 -8.40
CA SER A 102 -18.00 -12.83 -7.79
C SER A 102 -17.80 -12.44 -6.32
N PRO A 103 -17.06 -13.26 -5.54
CA PRO A 103 -17.00 -12.95 -4.10
C PRO A 103 -16.32 -11.63 -3.75
N SER A 104 -16.80 -11.01 -2.69
CA SER A 104 -16.32 -9.72 -2.18
C SER A 104 -14.84 -9.66 -1.83
N ALA A 105 -14.35 -10.74 -1.24
CA ALA A 105 -12.95 -10.87 -0.84
C ALA A 105 -12.02 -11.18 -2.01
N GLY A 106 -12.59 -11.57 -3.15
CA GLY A 106 -11.85 -11.96 -4.34
C GLY A 106 -12.20 -13.37 -4.79
N ILE A 107 -11.80 -13.71 -6.01
CA ILE A 107 -11.99 -15.08 -6.52
C ILE A 107 -11.10 -16.06 -5.73
N PRO A 108 -11.60 -17.27 -5.44
CA PRO A 108 -10.86 -18.16 -4.53
C PRO A 108 -9.48 -18.62 -4.99
N GLU A 109 -9.31 -18.79 -6.30
CA GLU A 109 -8.05 -19.24 -6.86
C GLU A 109 -6.95 -18.18 -6.75
N LEU A 110 -7.29 -16.90 -6.88
CA LEU A 110 -6.35 -15.80 -6.62
C LEU A 110 -6.00 -15.65 -5.15
N LEU A 111 -7.02 -15.62 -4.29
CA LEU A 111 -6.85 -15.54 -2.84
C LEU A 111 -5.90 -16.61 -2.28
N SER A 112 -6.09 -17.84 -2.71
CA SER A 112 -5.29 -18.98 -2.26
C SER A 112 -3.86 -18.96 -2.81
N TRP A 113 -3.70 -18.42 -4.02
CA TRP A 113 -2.38 -18.20 -4.63
C TRP A 113 -1.61 -17.15 -3.83
N LEU A 114 -2.26 -16.01 -3.59
CA LEU A 114 -1.73 -14.93 -2.76
C LEU A 114 -1.44 -15.34 -1.31
N LYS A 115 -2.27 -16.23 -0.74
CA LYS A 115 -2.06 -16.71 0.64
C LYS A 115 -0.78 -17.54 0.71
N GLN A 116 -0.57 -18.40 -0.28
CA GLN A 116 0.69 -19.13 -0.41
C GLN A 116 1.92 -18.24 -0.65
N LEU A 117 1.75 -17.15 -1.42
CA LEU A 117 2.84 -16.18 -1.62
C LEU A 117 3.23 -15.50 -0.31
N GLN A 118 2.24 -15.00 0.43
CA GLN A 118 2.48 -14.40 1.75
C GLN A 118 3.14 -15.36 2.74
N ILE A 119 2.75 -16.64 2.72
CA ILE A 119 3.40 -17.64 3.60
C ILE A 119 4.86 -17.87 3.18
N LYS A 120 5.15 -17.92 1.88
CA LYS A 120 6.52 -18.12 1.39
C LYS A 120 7.44 -16.90 1.68
N LEU A 121 6.94 -15.69 1.45
CA LEU A 121 7.74 -14.47 1.57
C LEU A 121 7.91 -13.93 2.98
N HIS A 122 6.81 -13.97 3.75
CA HIS A 122 6.74 -13.39 5.09
C HIS A 122 6.50 -14.37 6.23
N ASN A 123 6.13 -15.62 5.95
CA ASN A 123 5.80 -16.66 6.96
C ASN A 123 5.18 -16.08 8.23
N PRO A 124 3.97 -15.47 8.11
CA PRO A 124 3.46 -14.70 9.24
C PRO A 124 3.15 -15.57 10.47
N PRO A 125 3.49 -15.09 11.68
CA PRO A 125 3.14 -15.93 12.86
C PRO A 125 1.63 -16.18 13.07
N THR A 126 0.77 -15.30 12.54
CA THR A 126 -0.69 -15.41 12.69
C THR A 126 -1.42 -16.46 11.83
N ILE A 127 -0.73 -17.24 10.97
CA ILE A 127 -1.37 -18.17 10.00
C ILE A 127 -2.37 -19.08 10.67
N HIS A 128 -1.89 -19.82 11.66
CA HIS A 128 -2.68 -20.85 12.35
C HIS A 128 -3.27 -20.41 13.71
N TYR A 129 -3.36 -19.09 13.97
CA TYR A 129 -4.06 -18.55 15.16
C TYR A 129 -5.56 -18.78 15.00
N PRO A 130 -6.32 -18.78 16.11
CA PRO A 130 -7.79 -18.78 15.97
C PRO A 130 -8.29 -17.48 15.31
N PRO A 131 -9.44 -17.51 14.61
CA PRO A 131 -10.00 -16.30 13.97
C PRO A 131 -10.06 -15.06 14.88
N SER A 132 -10.66 -15.20 16.06
CA SER A 132 -10.79 -14.09 17.01
C SER A 132 -9.45 -13.52 17.55
N GLN A 133 -8.38 -14.33 17.52
CA GLN A 133 -7.00 -13.93 17.92
C GLN A 133 -6.13 -13.29 16.82
N GLY A 134 -6.72 -13.01 15.65
CA GLY A 134 -6.04 -12.35 14.56
C GLY A 134 -5.43 -13.22 13.50
N GLN A 135 -6.02 -14.40 13.29
CA GLN A 135 -5.66 -15.28 12.15
C GLN A 135 -5.46 -14.51 10.86
N MET A 136 -4.39 -14.82 10.14
CA MET A 136 -4.09 -14.16 8.86
C MET A 136 -5.25 -14.42 7.87
N ASP A 137 -5.74 -13.33 7.30
CA ASP A 137 -6.82 -13.36 6.32
C ASP A 137 -6.43 -12.39 5.23
N LEU A 138 -6.76 -12.72 3.98
CA LEU A 138 -6.52 -11.85 2.82
C LEU A 138 -7.83 -11.32 2.25
N CYS A 139 -7.70 -10.18 1.57
CA CYS A 139 -8.77 -9.59 0.82
C CYS A 139 -8.18 -8.95 -0.42
N VAL A 140 -8.66 -9.36 -1.58
CA VAL A 140 -8.33 -8.72 -2.84
C VAL A 140 -9.19 -7.44 -2.85
N THR A 141 -8.57 -6.32 -3.20
CA THR A 141 -9.18 -4.99 -3.15
C THR A 141 -8.99 -4.33 -4.50
N SER A 142 -9.80 -3.32 -4.80
CA SER A 142 -9.75 -2.62 -6.09
C SER A 142 -8.63 -1.61 -6.05
N GLY A 143 -7.43 -2.14 -6.13
CA GLY A 143 -6.22 -1.41 -5.80
C GLY A 143 -6.00 -1.51 -4.30
N SER A 144 -4.75 -1.41 -3.90
CA SER A 144 -4.36 -1.45 -2.48
C SER A 144 -4.89 -0.27 -1.68
N GLN A 145 -4.99 0.91 -2.31
CA GLN A 145 -5.53 2.10 -1.64
C GLN A 145 -6.99 1.97 -1.24
N GLN A 146 -7.79 1.18 -1.95
CA GLN A 146 -9.18 0.95 -1.52
C GLN A 146 -9.18 0.28 -0.18
N GLY A 147 -8.35 -0.77 -0.06
CA GLY A 147 -8.08 -1.45 1.20
C GLY A 147 -7.74 -0.52 2.35
N LEU A 148 -6.81 0.40 2.12
CA LEU A 148 -6.37 1.31 3.18
C LEU A 148 -7.41 2.33 3.55
N CYS A 149 -8.06 2.95 2.55
CA CYS A 149 -9.17 3.88 2.81
C CYS A 149 -10.23 3.23 3.73
N LYS A 150 -10.64 2.02 3.37
CA LYS A 150 -11.50 1.17 4.20
C LYS A 150 -10.96 0.96 5.60
N VAL A 151 -9.66 0.67 5.71
CA VAL A 151 -8.98 0.50 7.02
C VAL A 151 -9.02 1.79 7.84
N PHE A 152 -8.73 2.92 7.21
CA PHE A 152 -8.76 4.22 7.91
C PHE A 152 -10.19 4.54 8.37
N GLU A 153 -11.18 4.31 7.50
CA GLU A 153 -12.60 4.54 7.86
C GLU A 153 -13.02 3.61 9.01
N MET A 154 -12.57 2.36 8.98
CA MET A 154 -12.83 1.38 10.09
C MET A 154 -12.33 1.84 11.44
N ILE A 155 -11.14 2.45 11.49
CA ILE A 155 -10.45 2.73 12.75
C ILE A 155 -10.81 4.09 13.35
N ILE A 156 -10.88 5.13 12.53
CA ILE A 156 -10.69 6.48 13.03
C ILE A 156 -12.00 7.14 13.39
N ASN A 157 -12.16 7.45 14.68
CA ASN A 157 -13.05 8.52 15.14
C ASN A 157 -12.37 9.90 15.10
N PRO A 158 -13.15 10.99 14.95
CA PRO A 158 -12.59 12.34 15.09
C PRO A 158 -11.90 12.55 16.43
N GLY A 159 -10.72 13.18 16.40
CA GLY A 159 -9.90 13.34 17.59
C GLY A 159 -8.99 12.17 17.96
N ASP A 160 -9.04 11.05 17.24
CA ASP A 160 -8.08 9.96 17.47
C ASP A 160 -6.68 10.36 17.03
N ASN A 161 -5.68 9.83 17.72
CA ASN A 161 -4.28 10.09 17.39
C ASN A 161 -3.76 8.99 16.52
N VAL A 162 -3.07 9.38 15.46
CA VAL A 162 -2.41 8.45 14.56
C VAL A 162 -0.98 8.93 14.34
N LEU A 163 -0.09 7.97 14.08
CA LEU A 163 1.32 8.22 13.93
C LEU A 163 1.70 7.97 12.48
N LEU A 164 2.40 8.93 11.89
CA LEU A 164 3.09 8.68 10.61
C LEU A 164 4.34 9.55 10.48
N ASP A 165 5.12 9.33 9.42
CA ASP A 165 6.34 10.11 9.13
C ASP A 165 6.14 10.98 7.90
N GLU A 166 6.24 12.29 8.07
CA GLU A 166 6.28 13.24 6.96
C GLU A 166 7.77 13.28 6.53
N PRO A 167 8.11 13.31 5.23
CA PRO A 167 7.19 13.36 4.10
C PRO A 167 6.44 12.05 3.90
N ALA A 168 5.14 12.18 3.64
CA ALA A 168 4.22 11.04 3.54
C ALA A 168 3.47 11.12 2.24
N TYR A 169 2.98 9.97 1.79
CA TYR A 169 2.24 9.90 0.53
C TYR A 169 1.03 10.84 0.59
N SER A 170 0.92 11.70 -0.42
CA SER A 170 -0.15 12.71 -0.47
C SER A 170 -1.56 12.11 -0.41
N GLY A 171 -1.77 10.98 -1.09
CA GLY A 171 -3.03 10.22 -1.02
C GLY A 171 -3.45 9.83 0.37
N THR A 172 -2.49 9.33 1.16
CA THR A 172 -2.72 9.02 2.57
C THR A 172 -3.15 10.26 3.37
N LEU A 173 -2.44 11.36 3.19
CA LEU A 173 -2.74 12.61 3.88
C LEU A 173 -4.11 13.18 3.50
N GLN A 174 -4.46 13.13 2.21
CA GLN A 174 -5.79 13.55 1.70
C GLN A 174 -6.94 12.65 2.19
N SER A 175 -6.64 11.37 2.41
CA SER A 175 -7.57 10.39 2.95
C SER A 175 -7.79 10.61 4.45
N LEU A 176 -6.70 10.84 5.19
CA LEU A 176 -6.80 11.04 6.65
C LEU A 176 -7.39 12.38 7.09
N HIS A 177 -7.20 13.41 6.25
CA HIS A 177 -7.66 14.78 6.54
C HIS A 177 -9.17 14.95 6.92
N PRO A 178 -10.11 14.41 6.12
CA PRO A 178 -11.54 14.48 6.46
C PRO A 178 -12.00 13.62 7.63
N LEU A 179 -11.19 12.63 8.03
CA LEU A 179 -11.52 11.75 9.15
C LEU A 179 -11.31 12.41 10.51
N GLY A 180 -10.62 13.55 10.55
CA GLY A 180 -10.49 14.33 11.78
C GLY A 180 -9.60 13.73 12.87
N CYS A 181 -8.78 12.74 12.55
CA CYS A 181 -7.68 12.36 13.44
C CYS A 181 -6.58 13.46 13.53
N ASN A 182 -5.84 13.44 14.63
CA ASN A 182 -4.61 14.20 14.80
C ASN A 182 -3.47 13.33 14.29
N ILE A 183 -2.73 13.84 13.31
CA ILE A 183 -1.54 13.18 12.79
C ILE A 183 -0.37 13.71 13.63
N ILE A 184 0.23 12.83 14.44
CA ILE A 184 1.45 13.14 15.18
C ILE A 184 2.60 12.70 14.29
N ASN A 185 3.47 13.66 13.94
CA ASN A 185 4.55 13.42 13.00
C ASN A 185 5.77 12.80 13.70
N VAL A 186 6.15 11.60 13.26
CA VAL A 186 7.36 10.88 13.71
C VAL A 186 8.50 11.29 12.79
N ALA A 187 9.69 11.53 13.34
CA ALA A 187 10.87 11.85 12.53
C ALA A 187 11.24 10.71 11.60
N SER A 188 11.74 11.08 10.43
CA SER A 188 12.32 10.12 9.48
C SER A 188 13.64 10.63 8.98
N ASP A 189 14.39 9.71 8.38
CA ASP A 189 15.68 10.01 7.80
C ASP A 189 15.96 9.07 6.63
N GLU A 190 17.22 8.96 6.24
CA GLU A 190 17.69 8.07 5.20
C GLU A 190 17.23 6.61 5.32
N SER A 191 17.00 6.13 6.54
CA SER A 191 16.51 4.77 6.84
C SER A 191 15.04 4.73 7.33
N GLY A 192 14.18 5.60 6.79
CA GLY A 192 12.75 5.66 7.14
C GLY A 192 12.53 6.29 8.51
N ILE A 193 11.39 5.92 9.14
CA ILE A 193 11.04 6.30 10.52
C ILE A 193 12.23 6.08 11.46
N VAL A 194 12.50 7.08 12.31
CA VAL A 194 13.51 6.97 13.36
C VAL A 194 12.74 6.46 14.58
N PRO A 195 12.91 5.18 14.96
CA PRO A 195 12.23 4.73 16.19
C PRO A 195 12.55 5.50 17.46
N ASP A 196 13.76 6.08 17.55
CA ASP A 196 14.13 6.95 18.68
C ASP A 196 13.18 8.16 18.80
N SER A 197 12.75 8.70 17.66
CA SER A 197 11.71 9.73 17.63
C SER A 197 10.35 9.21 18.14
N LEU A 198 9.94 8.07 17.63
CA LEU A 198 8.68 7.42 18.02
C LEU A 198 8.60 7.18 19.52
N ARG A 199 9.67 6.62 20.08
CA ARG A 199 9.81 6.39 21.51
C ARG A 199 9.55 7.65 22.38
N ASP A 200 10.15 8.78 21.96
CA ASP A 200 9.96 10.07 22.66
C ASP A 200 8.55 10.59 22.54
N ILE A 201 7.98 10.48 21.34
CA ILE A 201 6.58 10.78 21.08
C ILE A 201 5.65 10.00 22.01
N LEU A 202 5.87 8.68 22.11
CA LEU A 202 5.03 7.78 22.94
C LEU A 202 5.17 7.96 24.46
N SER A 203 6.29 8.49 24.93
CA SER A 203 6.54 8.76 26.37
C SER A 203 5.60 9.81 27.00
N ARG A 204 5.00 10.65 26.14
CA ARG A 204 3.77 11.42 26.41
C ARG A 204 2.68 10.65 27.17
N TRP A 205 2.46 9.38 26.78
CA TRP A 205 1.56 8.45 27.49
C TRP A 205 2.32 7.44 28.33
N LYS A 206 1.63 6.86 29.30
N LYS A 206 1.60 6.87 29.30
CA LYS A 206 2.15 5.71 30.05
CA LYS A 206 2.01 5.67 30.02
C LYS A 206 1.59 4.48 29.31
C LYS A 206 1.63 4.50 29.13
N PRO A 207 2.35 3.36 29.21
CA PRO A 207 1.88 2.13 28.49
C PRO A 207 0.49 1.58 28.87
N GLU A 208 0.15 1.70 30.16
CA GLU A 208 -1.17 1.38 30.74
C GLU A 208 -2.35 2.15 30.10
N ASP A 209 -2.07 3.36 29.58
CA ASP A 209 -3.10 4.20 28.91
C ASP A 209 -3.76 3.61 27.66
N ALA A 210 -3.14 2.63 27.02
CA ALA A 210 -3.79 1.86 25.95
C ALA A 210 -5.09 1.13 26.39
N LYS A 211 -5.12 0.69 27.65
CA LYS A 211 -6.32 0.08 28.25
C LYS A 211 -7.46 1.07 28.57
N ASN A 212 -7.21 2.38 28.51
CA ASN A 212 -8.16 3.45 28.83
C ASN A 212 -8.42 4.34 27.58
N PRO A 213 -9.62 4.23 26.94
CA PRO A 213 -9.84 5.01 25.69
C PRO A 213 -9.91 6.54 25.86
N GLN A 214 -10.27 7.02 27.06
CA GLN A 214 -10.23 8.47 27.39
C GLN A 214 -8.82 9.08 27.31
N LYS A 215 -7.77 8.31 27.58
CA LYS A 215 -6.37 8.79 27.38
C LYS A 215 -5.91 8.99 25.94
N ASN A 216 -6.61 8.35 24.99
N ASN A 216 -6.62 8.42 24.96
CA ASN A 216 -6.47 8.59 23.55
CA ASN A 216 -6.44 8.70 23.53
C ASN A 216 -5.08 8.31 23.00
C ASN A 216 -5.06 8.33 22.99
N THR A 217 -4.56 7.15 23.36
CA THR A 217 -3.26 6.66 22.86
C THR A 217 -3.38 6.33 21.37
N PRO A 218 -2.26 6.40 20.61
CA PRO A 218 -2.34 6.22 19.16
C PRO A 218 -3.05 4.92 18.73
N LYS A 219 -3.96 5.04 17.77
CA LYS A 219 -4.64 3.88 17.24
C LYS A 219 -3.70 3.05 16.37
N PHE A 220 -2.88 3.73 15.56
CA PHE A 220 -1.95 3.07 14.68
C PHE A 220 -0.76 3.94 14.23
N LEU A 221 0.28 3.24 13.75
CA LEU A 221 1.40 3.84 13.00
C LEU A 221 1.25 3.43 11.55
N TYR A 222 1.17 4.41 10.67
CA TYR A 222 1.19 4.16 9.25
C TYR A 222 2.60 4.40 8.75
N THR A 223 3.08 3.52 7.88
CA THR A 223 4.26 3.81 7.09
C THR A 223 4.33 3.00 5.81
N VAL A 224 5.14 3.51 4.89
CA VAL A 224 5.54 2.87 3.67
C VAL A 224 7.00 2.43 3.89
N PRO A 225 7.21 1.19 4.38
CA PRO A 225 8.54 0.80 4.87
C PRO A 225 9.63 0.58 3.82
N ASN A 226 9.28 0.45 2.54
CA ASN A 226 10.24 0.31 1.45
C ASN A 226 9.96 1.37 0.42
N GLY A 227 10.95 2.20 0.11
CA GLY A 227 10.86 3.13 -1.01
C GLY A 227 9.74 4.14 -0.88
N ASN A 228 9.73 4.82 0.26
CA ASN A 228 8.65 5.74 0.61
C ASN A 228 8.39 6.75 -0.52
N ASN A 229 7.12 6.89 -0.87
CA ASN A 229 6.66 7.96 -1.77
C ASN A 229 6.41 9.13 -0.83
N PRO A 230 7.19 10.23 -0.88
CA PRO A 230 8.12 10.61 -1.94
C PRO A 230 9.65 10.37 -1.73
N THR A 231 10.11 9.99 -0.53
CA THR A 231 11.56 10.07 -0.21
C THR A 231 12.49 9.06 -0.88
N GLY A 232 11.98 7.88 -1.20
CA GLY A 232 12.79 6.73 -1.61
C GLY A 232 13.44 5.92 -0.49
N ASN A 233 13.26 6.34 0.75
CA ASN A 233 13.95 5.75 1.89
C ASN A 233 13.18 4.53 2.36
N SER A 234 13.92 3.50 2.70
CA SER A 234 13.41 2.25 3.23
C SER A 234 13.89 2.02 4.67
N LEU A 235 13.00 1.51 5.52
CA LEU A 235 13.38 0.98 6.84
C LEU A 235 14.38 -0.16 6.77
N THR A 236 15.18 -0.26 7.83
CA THR A 236 16.05 -1.41 8.05
C THR A 236 15.32 -2.41 8.95
N SER A 237 15.86 -3.63 8.95
CA SER A 237 15.41 -4.74 9.78
C SER A 237 15.39 -4.40 11.27
N GLU A 238 16.52 -3.86 11.74
CA GLU A 238 16.68 -3.47 13.14
C GLU A 238 15.66 -2.39 13.60
N ARG A 239 15.39 -1.43 12.73
CA ARG A 239 14.42 -0.39 13.03
C ARG A 239 12.98 -0.93 13.11
N LYS A 240 12.65 -1.85 12.22
CA LYS A 240 11.35 -2.56 12.30
C LYS A 240 11.16 -3.34 13.62
N LYS A 241 12.22 -3.98 14.10
CA LYS A 241 12.16 -4.64 15.42
C LYS A 241 11.89 -3.65 16.56
N GLU A 242 12.50 -2.47 16.49
CA GLU A 242 12.27 -1.41 17.47
C GLU A 242 10.87 -0.84 17.41
N ILE A 243 10.40 -0.55 16.20
CA ILE A 243 9.05 -0.06 15.99
C ILE A 243 8.01 -1.09 16.49
N TYR A 244 8.23 -2.37 16.19
CA TYR A 244 7.29 -3.41 16.60
C TYR A 244 7.18 -3.52 18.14
N GLU A 245 8.33 -3.51 18.82
CA GLU A 245 8.38 -3.46 20.30
C GLU A 245 7.64 -2.25 20.90
N LEU A 246 7.79 -1.07 20.28
CA LEU A 246 7.04 0.11 20.68
C LEU A 246 5.53 -0.05 20.44
N ALA A 247 5.16 -0.58 19.28
CA ALA A 247 3.76 -0.92 18.94
C ALA A 247 3.15 -1.95 19.90
N ARG A 248 3.96 -2.90 20.35
CA ARG A 248 3.59 -3.89 21.37
C ARG A 248 3.39 -3.24 22.74
N LYS A 249 4.31 -2.34 23.10
CA LYS A 249 4.32 -1.70 24.42
C LYS A 249 3.18 -0.69 24.61
N TYR A 250 2.92 0.13 23.59
CA TYR A 250 1.82 1.12 23.61
C TYR A 250 0.55 0.63 22.90
N ASP A 251 0.60 -0.62 22.41
CA ASP A 251 -0.55 -1.40 21.93
C ASP A 251 -1.30 -0.66 20.80
N PHE A 252 -0.58 -0.41 19.73
CA PHE A 252 -1.15 0.14 18.51
C PHE A 252 -0.93 -0.78 17.31
N LEU A 253 -1.73 -0.54 16.26
CA LEU A 253 -1.60 -1.29 15.01
C LEU A 253 -0.48 -0.67 14.18
N ILE A 254 0.10 -1.46 13.30
CA ILE A 254 1.04 -0.99 12.30
C ILE A 254 0.35 -1.25 10.97
N ILE A 255 0.12 -0.17 10.23
CA ILE A 255 -0.43 -0.26 8.90
C ILE A 255 0.78 -0.15 7.98
N GLU A 256 1.14 -1.29 7.39
CA GLU A 256 2.29 -1.46 6.51
C GLU A 256 1.82 -1.33 5.05
N ASP A 257 1.86 -0.10 4.54
CA ASP A 257 1.48 0.18 3.15
C ASP A 257 2.72 -0.04 2.33
N ASP A 258 2.80 -1.17 1.62
CA ASP A 258 4.06 -1.63 1.06
C ASP A 258 4.00 -1.88 -0.45
N PRO A 259 3.64 -0.85 -1.24
CA PRO A 259 3.50 -1.02 -2.70
C PRO A 259 4.79 -1.21 -3.50
N TYR A 260 5.92 -0.87 -2.91
CA TYR A 260 7.24 -1.11 -3.51
C TYR A 260 7.99 -2.25 -2.84
N TYR A 261 7.30 -3.13 -2.13
CA TYR A 261 7.93 -4.36 -1.63
C TYR A 261 8.68 -5.19 -2.70
N PHE A 262 8.09 -5.28 -3.89
CA PHE A 262 8.69 -5.94 -5.05
C PHE A 262 9.55 -5.04 -5.94
N LEU A 263 9.85 -3.80 -5.51
CA LEU A 263 10.84 -2.91 -6.16
C LEU A 263 12.00 -2.53 -5.23
N GLN A 264 12.55 -3.51 -4.51
CA GLN A 264 13.72 -3.31 -3.63
C GLN A 264 15.03 -3.54 -4.39
N PHE A 265 15.94 -2.56 -4.33
CA PHE A 265 17.18 -2.61 -5.13
C PHE A 265 18.30 -3.47 -4.55
N ASN A 266 18.40 -3.54 -3.21
CA ASN A 266 19.27 -4.51 -2.51
C ASN A 266 18.85 -5.96 -2.78
N LYS A 267 19.82 -6.87 -2.69
CA LYS A 267 19.64 -8.27 -3.10
C LYS A 267 18.63 -9.00 -2.20
N PHE A 268 18.90 -8.93 -0.89
CA PHE A 268 18.06 -9.55 0.13
C PHE A 268 16.99 -8.54 0.59
N ARG A 269 15.71 -8.89 0.40
CA ARG A 269 14.58 -8.03 0.85
C ARG A 269 14.55 -7.92 2.39
N VAL A 270 14.21 -6.75 2.91
CA VAL A 270 14.17 -6.54 4.36
C VAL A 270 12.92 -7.27 4.87
N PRO A 271 13.02 -8.04 6.00
CA PRO A 271 11.84 -8.64 6.63
C PRO A 271 10.71 -7.62 6.88
N THR A 272 9.46 -8.00 6.60
CA THR A 272 8.32 -7.11 6.77
C THR A 272 7.86 -7.06 8.22
N PHE A 273 7.06 -6.05 8.54
CA PHE A 273 6.30 -6.02 9.80
C PHE A 273 5.36 -7.23 9.95
N LEU A 274 4.65 -7.57 8.87
CA LEU A 274 3.86 -8.80 8.81
C LEU A 274 4.64 -10.04 9.25
N SER A 275 5.88 -10.17 8.78
CA SER A 275 6.74 -11.33 9.13
C SER A 275 7.09 -11.46 10.59
N MET A 276 7.10 -10.33 11.30
CA MET A 276 7.40 -10.29 12.75
C MET A 276 6.16 -10.11 13.62
N ASP A 277 4.95 -10.25 13.03
CA ASP A 277 3.68 -9.90 13.67
C ASP A 277 3.17 -11.01 14.58
N VAL A 278 3.80 -11.15 15.72
CA VAL A 278 3.45 -12.18 16.71
C VAL A 278 2.09 -11.86 17.35
N ASP A 279 1.73 -10.59 17.47
CA ASP A 279 0.52 -10.16 18.18
C ASP A 279 -0.75 -10.07 17.34
N GLY A 280 -0.63 -10.07 16.01
CA GLY A 280 -1.74 -9.76 15.13
C GLY A 280 -2.12 -8.29 15.18
N ARG A 281 -1.13 -7.42 15.19
CA ARG A 281 -1.32 -5.97 15.15
C ARG A 281 -0.94 -5.33 13.82
N VAL A 282 -0.68 -6.13 12.78
CA VAL A 282 -0.20 -5.58 11.49
C VAL A 282 -1.26 -5.79 10.42
N ILE A 283 -1.64 -4.71 9.75
CA ILE A 283 -2.42 -4.75 8.52
C ILE A 283 -1.47 -4.33 7.40
N ARG A 284 -1.32 -5.17 6.39
CA ARG A 284 -0.39 -4.95 5.29
C ARG A 284 -1.20 -4.75 4.01
N ALA A 285 -0.79 -3.79 3.19
CA ALA A 285 -1.31 -3.59 1.84
C ALA A 285 -0.21 -3.88 0.84
N ASP A 286 -0.46 -4.86 -0.04
CA ASP A 286 0.39 -5.14 -1.20
C ASP A 286 -0.28 -4.63 -2.44
N SER A 287 0.54 -4.20 -3.39
CA SER A 287 0.08 -3.57 -4.62
C SER A 287 0.69 -4.32 -5.77
N PHE A 288 -0.12 -4.57 -6.79
CA PHE A 288 0.35 -5.00 -8.11
C PHE A 288 0.59 -3.84 -9.06
N SER A 289 0.40 -2.59 -8.60
CA SER A 289 0.39 -1.44 -9.49
C SER A 289 1.71 -1.11 -10.19
N ILE A 291 4.28 -3.57 -10.65
CA ILE A 291 4.81 -4.85 -11.20
C ILE A 291 3.91 -5.59 -12.18
N ILE A 292 2.58 -5.43 -12.07
CA ILE A 292 1.63 -6.17 -12.94
C ILE A 292 0.68 -5.26 -13.73
N SER A 293 -0.02 -4.39 -13.03
CA SER A 293 -0.77 -3.31 -13.66
C SER A 293 -1.37 -2.45 -12.60
N SER A 294 -1.21 -1.15 -12.79
CA SER A 294 -1.90 -0.12 -12.00
C SER A 294 -3.35 0.06 -12.46
N GLY A 295 -3.55 0.13 -13.76
CA GLY A 295 -4.87 0.34 -14.36
C GLY A 295 -5.92 -0.73 -14.08
N LEU A 296 -5.50 -1.98 -13.88
CA LEU A 296 -6.44 -3.06 -13.57
C LEU A 296 -7.13 -2.95 -12.20
N ARG A 297 -6.52 -2.21 -11.26
CA ARG A 297 -7.05 -1.99 -9.91
C ARG A 297 -7.20 -3.31 -9.15
N ILE A 298 -6.09 -4.01 -8.96
CA ILE A 298 -6.05 -5.24 -8.16
C ILE A 298 -4.87 -5.13 -7.22
N GLY A 299 -5.17 -4.98 -5.93
CA GLY A 299 -4.19 -5.05 -4.84
C GLY A 299 -4.72 -6.02 -3.81
N PHE A 300 -4.08 -6.08 -2.65
CA PHE A 300 -4.60 -6.90 -1.56
C PHE A 300 -4.12 -6.51 -0.18
N LEU A 301 -5.03 -6.73 0.79
CA LEU A 301 -4.79 -6.51 2.19
C LEU A 301 -4.54 -7.85 2.81
N THR A 302 -3.64 -7.87 3.79
CA THR A 302 -3.34 -9.03 4.60
C THR A 302 -3.36 -8.53 6.03
N GLY A 303 -4.08 -9.21 6.89
CA GLY A 303 -4.25 -8.75 8.26
C GLY A 303 -5.06 -9.66 9.15
N PRO A 304 -5.30 -9.22 10.41
CA PRO A 304 -6.10 -10.02 11.34
C PRO A 304 -7.57 -10.18 10.89
N LYS A 305 -8.08 -11.42 10.99
CA LYS A 305 -9.42 -11.74 10.51
C LYS A 305 -10.54 -10.76 10.96
N PRO A 306 -10.60 -10.40 12.26
CA PRO A 306 -11.64 -9.44 12.68
C PRO A 306 -11.63 -8.09 11.99
N LEU A 307 -10.44 -7.61 11.63
CA LEU A 307 -10.28 -6.33 10.91
C LEU A 307 -10.53 -6.48 9.43
N ILE A 308 -9.96 -7.52 8.82
CA ILE A 308 -10.22 -7.83 7.40
C ILE A 308 -11.73 -8.06 7.13
N GLU A 309 -12.41 -8.76 8.04
N GLU A 309 -12.41 -8.74 8.04
CA GLU A 309 -13.85 -9.00 8.03
CA GLU A 309 -13.85 -8.99 7.94
C GLU A 309 -14.66 -7.70 7.94
C GLU A 309 -14.67 -7.68 7.91
N ARG A 310 -14.26 -6.68 8.71
CA ARG A 310 -14.90 -5.34 8.68
C ARG A 310 -14.71 -4.64 7.33
N VAL A 311 -13.50 -4.78 6.75
CA VAL A 311 -13.19 -4.19 5.45
C VAL A 311 -14.05 -4.83 4.37
N ILE A 312 -14.15 -6.16 4.41
CA ILE A 312 -14.93 -6.93 3.46
C ILE A 312 -16.40 -6.51 3.47
N LEU A 313 -17.00 -6.36 4.66
CA LEU A 313 -18.39 -5.92 4.76
C LEU A 313 -18.62 -4.53 4.18
N HIS A 314 -17.62 -3.65 4.28
CA HIS A 314 -17.71 -2.31 3.65
C HIS A 314 -17.63 -2.43 2.12
N ILE A 315 -16.71 -3.26 1.62
CA ILE A 315 -16.63 -3.55 0.20
C ILE A 315 -17.96 -4.13 -0.34
N GLN A 316 -18.59 -5.00 0.43
CA GLN A 316 -19.90 -5.57 0.06
C GLN A 316 -20.96 -4.52 -0.32
N VAL A 317 -20.93 -3.35 0.31
CA VAL A 317 -21.91 -2.27 0.06
C VAL A 317 -21.41 -1.12 -0.85
N SER A 318 -20.12 -1.12 -1.21
CA SER A 318 -19.56 -0.15 -2.16
C SER A 318 -19.21 -0.82 -3.51
N THR A 319 -18.01 -1.33 -3.69
CA THR A 319 -17.62 -1.91 -4.99
C THR A 319 -18.13 -3.33 -5.22
N LEU A 320 -18.62 -4.00 -4.18
CA LEU A 320 -19.04 -5.42 -4.22
C LEU A 320 -17.87 -6.37 -4.32
N HIS A 321 -17.03 -6.20 -5.34
CA HIS A 321 -15.78 -6.92 -5.49
C HIS A 321 -14.89 -6.24 -6.54
N PRO A 322 -13.60 -6.63 -6.62
CA PRO A 322 -12.80 -6.11 -7.73
C PRO A 322 -13.20 -6.82 -8.99
N SER A 323 -13.00 -6.17 -10.12
CA SER A 323 -13.33 -6.73 -11.42
C SER A 323 -13.03 -8.23 -11.48
N THR A 324 -14.05 -9.06 -11.78
CA THR A 324 -13.86 -10.50 -11.91
C THR A 324 -12.93 -10.81 -13.08
N PHE A 325 -13.17 -10.14 -14.22
CA PHE A 325 -12.31 -10.19 -15.43
C PHE A 325 -10.82 -10.00 -15.12
N ASN A 326 -10.50 -8.89 -14.46
CA ASN A 326 -9.12 -8.52 -14.19
C ASN A 326 -8.43 -9.46 -13.18
N GLN A 327 -9.20 -9.93 -12.19
CA GLN A 327 -8.73 -10.99 -11.31
C GLN A 327 -8.39 -12.29 -12.03
N LEU A 328 -9.22 -12.70 -12.98
CA LEU A 328 -8.99 -13.95 -13.73
C LEU A 328 -7.80 -13.83 -14.69
N MET A 329 -7.60 -12.65 -15.31
CA MET A 329 -6.36 -12.34 -16.08
C MET A 329 -5.11 -12.53 -15.22
N ILE A 330 -5.09 -11.88 -14.06
CA ILE A 330 -3.96 -11.91 -13.12
C ILE A 330 -3.76 -13.31 -12.54
N SER A 331 -4.83 -13.94 -12.07
CA SER A 331 -4.75 -15.30 -11.53
C SER A 331 -4.22 -16.34 -12.52
N GLN A 332 -4.61 -16.25 -13.79
CA GLN A 332 -4.15 -17.22 -14.79
C GLN A 332 -2.69 -17.02 -15.14
N LEU A 333 -2.28 -15.77 -15.25
CA LEU A 333 -0.88 -15.42 -15.40
C LEU A 333 -0.05 -15.97 -14.22
N LEU A 334 -0.52 -15.72 -13.00
CA LEU A 334 0.22 -16.11 -11.81
C LEU A 334 0.29 -17.64 -11.64
N HIS A 335 -0.79 -18.33 -11.97
CA HIS A 335 -0.79 -19.81 -11.89
C HIS A 335 0.13 -20.48 -12.90
N GLU A 336 0.19 -19.96 -14.14
CA GLU A 336 1.08 -20.52 -15.16
C GLU A 336 2.54 -20.11 -14.96
N TRP A 337 2.79 -18.88 -14.51
CA TRP A 337 4.15 -18.48 -14.06
C TRP A 337 4.68 -19.34 -12.92
N GLY A 338 3.81 -19.65 -11.95
CA GLY A 338 4.24 -20.16 -10.65
C GLY A 338 4.88 -19.02 -9.85
N GLU A 339 5.20 -19.30 -8.59
CA GLU A 339 5.97 -18.36 -7.75
C GLU A 339 7.36 -18.07 -8.36
N GLU A 340 8.01 -19.08 -8.95
CA GLU A 340 9.30 -18.93 -9.63
C GLU A 340 9.25 -17.92 -10.79
N GLY A 341 8.27 -18.07 -11.69
CA GLY A 341 8.05 -17.16 -12.81
C GLY A 341 7.67 -15.73 -12.44
N PHE A 342 6.88 -15.61 -11.36
CA PHE A 342 6.54 -14.31 -10.76
C PHE A 342 7.76 -13.60 -10.19
N MET A 343 8.56 -14.30 -9.39
CA MET A 343 9.77 -13.70 -8.79
C MET A 343 10.83 -13.40 -9.86
N ALA A 344 10.92 -14.23 -10.90
CA ALA A 344 11.73 -13.88 -12.10
C ALA A 344 11.24 -12.58 -12.79
N HIS A 345 9.93 -12.37 -12.81
CA HIS A 345 9.34 -11.14 -13.34
C HIS A 345 9.71 -9.92 -12.50
N VAL A 346 9.54 -10.02 -11.16
CA VAL A 346 9.84 -8.87 -10.30
C VAL A 346 11.32 -8.51 -10.38
N ASP A 347 12.16 -9.54 -10.54
CA ASP A 347 13.60 -9.36 -10.68
C ASP A 347 13.95 -8.57 -11.95
N ARG A 348 13.27 -8.86 -13.06
CA ARG A 348 13.44 -8.08 -14.32
C ARG A 348 12.98 -6.63 -14.16
N VAL A 349 11.88 -6.43 -13.42
CA VAL A 349 11.36 -5.08 -13.16
C VAL A 349 12.32 -4.33 -12.24
N ILE A 350 12.77 -4.97 -11.15
CA ILE A 350 13.80 -4.39 -10.27
C ILE A 350 15.03 -3.97 -11.08
N ASP A 351 15.54 -4.85 -11.94
CA ASP A 351 16.69 -4.52 -12.82
C ASP A 351 16.45 -3.26 -13.64
N PHE A 352 15.24 -3.12 -14.18
CA PHE A 352 14.90 -1.95 -15.00
C PHE A 352 14.93 -0.68 -14.15
N TYR A 353 14.25 -0.71 -13.01
CA TYR A 353 14.18 0.45 -12.13
C TYR A 353 15.53 0.76 -11.48
N SER A 354 16.35 -0.26 -11.21
CA SER A 354 17.73 -0.08 -10.71
C SER A 354 18.61 0.67 -11.71
N ASN A 355 18.49 0.35 -13.00
CA ASN A 355 19.21 1.07 -14.05
C ASN A 355 18.72 2.49 -14.19
N GLN A 356 17.41 2.69 -14.06
CA GLN A 356 16.83 4.04 -14.11
C GLN A 356 17.29 4.92 -12.94
N LYS A 357 17.31 4.33 -11.75
CA LYS A 357 17.88 4.92 -10.53
C LYS A 357 19.34 5.35 -10.73
N ASP A 358 20.17 4.44 -11.22
CA ASP A 358 21.57 4.75 -11.52
C ASP A 358 21.72 5.89 -12.54
N ALA A 359 20.85 5.92 -13.55
CA ALA A 359 20.84 7.01 -14.54
C ALA A 359 20.48 8.38 -13.94
N ILE A 360 19.42 8.44 -13.11
CA ILE A 360 19.02 9.70 -12.47
C ILE A 360 20.05 10.20 -11.44
N LEU A 361 20.63 9.29 -10.66
CA LEU A 361 21.76 9.62 -9.77
C LEU A 361 22.96 10.18 -10.51
N ALA A 362 23.24 9.66 -11.71
CA ALA A 362 24.30 10.21 -12.56
C ALA A 362 24.00 11.63 -13.04
N ALA A 363 22.77 11.86 -13.48
CA ALA A 363 22.34 13.23 -13.82
C ALA A 363 22.34 14.18 -12.61
N ALA A 364 21.97 13.66 -11.44
CA ALA A 364 22.07 14.41 -10.19
C ALA A 364 23.51 14.82 -9.85
N ASP A 365 24.41 13.84 -9.85
CA ASP A 365 25.85 14.06 -9.59
C ASP A 365 26.46 15.10 -10.53
N LYS A 366 26.09 15.03 -11.80
CA LYS A 366 26.69 15.87 -12.85
C LYS A 366 26.24 17.31 -12.76
N TRP A 367 24.93 17.53 -12.55
CA TRP A 367 24.35 18.88 -12.56
C TRP A 367 24.11 19.54 -11.21
N LEU A 368 23.91 18.78 -10.13
CA LEU A 368 23.47 19.32 -8.83
C LEU A 368 24.44 19.23 -7.67
N THR A 369 25.63 18.64 -7.85
CA THR A 369 26.61 18.54 -6.77
C THR A 369 26.97 19.97 -6.31
N GLY A 370 26.73 20.25 -5.02
CA GLY A 370 26.84 21.61 -4.45
C GLY A 370 25.61 22.53 -4.51
N LEU A 371 24.60 22.16 -5.30
CA LEU A 371 23.34 22.89 -5.43
C LEU A 371 22.15 22.23 -4.75
N ALA A 372 22.26 20.94 -4.44
CA ALA A 372 21.17 20.15 -3.89
C ALA A 372 21.68 18.94 -3.11
N GLU A 373 20.92 18.49 -2.12
CA GLU A 373 21.28 17.31 -1.32
C GLU A 373 20.31 16.21 -1.74
N TRP A 374 20.73 14.95 -1.70
CA TRP A 374 19.83 13.79 -1.92
C TRP A 374 20.45 12.47 -1.43
N HIS A 375 19.59 11.54 -1.06
CA HIS A 375 19.96 10.16 -0.74
C HIS A 375 19.71 9.23 -1.94
N VAL A 376 20.49 8.14 -1.97
CA VAL A 376 20.28 7.01 -2.87
C VAL A 376 18.96 6.29 -2.48
N PRO A 377 17.94 6.29 -3.37
CA PRO A 377 16.72 5.51 -3.07
C PRO A 377 17.02 4.02 -2.90
N ALA A 378 16.54 3.45 -1.80
CA ALA A 378 16.63 2.00 -1.54
C ALA A 378 15.60 1.18 -2.33
N ALA A 379 14.52 1.82 -2.77
CA ALA A 379 13.48 1.16 -3.57
C ALA A 379 12.64 2.18 -4.32
N GLY A 380 11.80 1.66 -5.20
CA GLY A 380 10.72 2.43 -5.80
C GLY A 380 11.10 3.24 -7.03
N MET A 381 10.40 4.35 -7.23
CA MET A 381 10.41 5.13 -8.48
C MET A 381 10.94 6.55 -8.33
N PHE A 382 11.21 7.02 -7.11
CA PHE A 382 11.39 8.46 -6.84
C PHE A 382 12.74 8.79 -6.25
N LEU A 383 13.36 9.84 -6.80
CA LEU A 383 14.48 10.54 -6.18
C LEU A 383 13.93 11.81 -5.50
N TRP A 384 14.35 12.06 -4.25
CA TRP A 384 13.88 13.16 -3.43
C TRP A 384 15.05 14.11 -3.20
N ILE A 385 14.92 15.33 -3.72
CA ILE A 385 16.02 16.28 -3.86
C ILE A 385 15.74 17.51 -2.99
N LYS A 386 16.63 17.83 -2.06
CA LYS A 386 16.58 19.08 -1.31
C LYS A 386 17.41 20.12 -2.03
N VAL A 387 16.81 21.24 -2.41
CA VAL A 387 17.52 22.35 -3.04
C VAL A 387 18.07 23.22 -1.93
N LYS A 388 19.38 23.46 -1.94
CA LYS A 388 20.04 24.34 -0.96
C LYS A 388 19.77 25.81 -1.29
N GLY A 389 19.59 26.64 -0.26
CA GLY A 389 19.47 28.10 -0.43
C GLY A 389 18.12 28.70 -0.84
N ILE A 390 17.24 27.90 -1.45
CA ILE A 390 15.92 28.32 -1.91
C ILE A 390 14.92 27.74 -0.90
N ASN A 391 14.10 28.59 -0.27
CA ASN A 391 13.15 28.18 0.79
C ASN A 391 11.95 27.43 0.22
N ASP A 392 11.39 27.95 -0.88
CA ASP A 392 10.23 27.37 -1.58
C ASP A 392 10.51 27.16 -3.09
N VAL A 393 10.73 25.90 -3.47
CA VAL A 393 10.89 25.51 -4.90
C VAL A 393 9.67 25.64 -5.82
N LYS A 394 8.48 25.91 -5.26
CA LYS A 394 7.21 26.02 -6.00
C LYS A 394 7.28 27.10 -7.09
N GLU A 395 7.76 28.30 -6.74
CA GLU A 395 7.93 29.39 -7.73
C GLU A 395 8.92 29.05 -8.84
N LEU A 396 10.05 28.44 -8.47
CA LEU A 396 11.07 27.98 -9.45
C LEU A 396 10.55 26.96 -10.47
N ILE A 397 9.83 25.95 -9.98
CA ILE A 397 9.24 24.90 -10.82
C ILE A 397 8.05 25.40 -11.64
N GLU A 398 7.08 26.00 -10.97
CA GLU A 398 5.79 26.28 -11.59
C GLU A 398 5.76 27.51 -12.48
N GLU A 399 6.51 28.55 -12.15
CA GLU A 399 6.61 29.78 -12.98
C GLU A 399 7.79 29.78 -13.99
N LYS A 400 8.92 29.12 -13.69
CA LYS A 400 10.14 29.19 -14.55
C LYS A 400 10.42 27.91 -15.33
N ALA A 401 10.60 26.79 -14.62
CA ALA A 401 10.91 25.49 -15.24
C ALA A 401 9.86 25.00 -16.26
N VAL A 402 8.58 25.17 -15.92
CA VAL A 402 7.47 24.81 -16.79
C VAL A 402 7.54 25.54 -18.12
N LYS A 403 7.71 26.86 -18.09
CA LYS A 403 7.89 27.67 -19.32
C LYS A 403 9.10 27.23 -20.20
N MET A 404 10.10 26.59 -19.58
CA MET A 404 11.24 25.91 -20.25
C MET A 404 11.07 24.39 -20.50
N GLY A 405 9.84 23.86 -20.39
CA GLY A 405 9.55 22.46 -20.65
C GLY A 405 10.14 21.42 -19.71
N VAL A 406 10.31 21.77 -18.44
CA VAL A 406 10.79 20.82 -17.42
C VAL A 406 9.86 20.91 -16.21
N LEU A 407 9.59 19.76 -15.59
CA LEU A 407 8.81 19.72 -14.36
C LEU A 407 9.26 18.59 -13.46
N MET A 408 9.43 18.93 -12.19
CA MET A 408 9.52 18.02 -11.07
C MET A 408 8.46 18.46 -10.09
N LEU A 409 8.17 17.63 -9.09
CA LEU A 409 7.04 17.89 -8.19
C LEU A 409 7.50 18.60 -6.93
N PRO A 410 6.99 19.81 -6.64
CA PRO A 410 7.32 20.43 -5.37
C PRO A 410 6.88 19.57 -4.19
N GLY A 411 7.68 19.54 -3.13
CA GLY A 411 7.45 18.65 -1.99
C GLY A 411 6.27 19.00 -1.09
N ASN A 412 5.74 20.22 -1.22
CA ASN A 412 4.57 20.74 -0.48
C ASN A 412 3.48 19.70 -0.21
N ALA A 413 3.09 18.94 -1.24
CA ALA A 413 1.97 17.98 -1.16
C ALA A 413 2.17 16.81 -0.20
N PHE A 414 3.40 16.56 0.25
CA PHE A 414 3.72 15.39 1.09
C PHE A 414 3.81 15.71 2.59
N TYR A 415 3.32 16.89 2.99
CA TYR A 415 3.21 17.29 4.39
C TYR A 415 1.78 17.66 4.71
N VAL A 416 1.41 17.52 5.99
CA VAL A 416 0.07 17.87 6.47
C VAL A 416 -0.18 19.36 6.21
N ASP A 417 0.78 20.19 6.63
CA ASP A 417 0.78 21.62 6.28
C ASP A 417 1.44 21.82 4.92
N SER A 418 0.63 21.69 3.87
CA SER A 418 1.07 21.85 2.48
C SER A 418 1.34 23.29 2.04
N SER A 419 0.74 24.28 2.69
CA SER A 419 1.04 25.70 2.41
C SER A 419 2.40 26.20 2.98
N ALA A 420 3.01 25.41 3.88
CA ALA A 420 4.39 25.69 4.35
C ALA A 420 5.39 25.53 3.20
N PRO A 421 6.46 26.37 3.19
CA PRO A 421 7.46 26.26 2.11
C PRO A 421 8.24 24.96 2.19
N SER A 422 8.56 24.41 1.02
CA SER A 422 9.34 23.18 0.90
C SER A 422 10.48 23.44 -0.07
N PRO A 423 11.73 23.09 0.33
CA PRO A 423 12.82 23.09 -0.63
C PRO A 423 12.93 21.79 -1.44
N TYR A 424 12.07 20.80 -1.20
CA TYR A 424 12.23 19.49 -1.83
C TYR A 424 11.49 19.33 -3.17
N LEU A 425 12.03 18.45 -4.01
CA LEU A 425 11.41 18.03 -5.29
C LEU A 425 11.40 16.51 -5.37
N ARG A 426 10.23 15.94 -5.68
CA ARG A 426 10.11 14.52 -6.02
C ARG A 426 10.32 14.44 -7.52
N ALA A 427 11.22 13.55 -7.94
CA ALA A 427 11.57 13.37 -9.35
C ALA A 427 11.50 11.89 -9.63
N SER A 428 10.56 11.50 -10.49
CA SER A 428 10.37 10.11 -10.86
C SER A 428 11.43 9.69 -11.85
N PHE A 429 12.06 8.55 -11.61
CA PHE A 429 12.91 7.87 -12.58
C PHE A 429 12.22 6.67 -13.27
N SER A 430 10.88 6.58 -13.22
CA SER A 430 10.19 5.43 -13.81
C SER A 430 10.25 5.38 -15.33
N SER A 431 10.12 6.52 -16.01
CA SER A 431 9.88 6.58 -17.48
C SER A 431 10.94 7.28 -18.36
N ALA A 432 11.65 8.25 -17.78
CA ALA A 432 12.47 9.17 -18.57
C ALA A 432 13.77 8.51 -18.99
N SER A 433 14.19 8.74 -20.23
CA SER A 433 15.51 8.27 -20.70
C SER A 433 16.65 9.08 -20.03
N PRO A 434 17.90 8.54 -20.04
CA PRO A 434 19.09 9.32 -19.63
C PRO A 434 19.27 10.67 -20.35
N GLU A 435 18.97 10.72 -21.64
CA GLU A 435 18.95 11.99 -22.42
C GLU A 435 17.96 13.01 -21.77
N GLN A 436 16.75 12.57 -21.43
CA GLN A 436 15.75 13.47 -20.82
C GLN A 436 16.14 13.98 -19.43
N MET A 437 16.59 13.04 -18.58
CA MET A 437 17.10 13.35 -17.22
C MET A 437 18.20 14.39 -17.25
N ASP A 438 19.18 14.19 -18.11
CA ASP A 438 20.26 15.15 -18.32
C ASP A 438 19.77 16.58 -18.62
N VAL A 439 18.85 16.71 -19.56
CA VAL A 439 18.21 18.00 -19.87
C VAL A 439 17.46 18.57 -18.66
N ALA A 440 16.64 17.75 -18.02
CA ALA A 440 15.86 18.15 -16.83
C ALA A 440 16.72 18.77 -15.71
N PHE A 441 17.76 18.05 -15.28
CA PHE A 441 18.68 18.52 -14.22
C PHE A 441 19.62 19.69 -14.60
N GLN A 442 19.96 19.78 -15.88
CA GLN A 442 20.70 20.93 -16.41
C GLN A 442 19.87 22.21 -16.33
N VAL A 443 18.59 22.09 -16.70
CA VAL A 443 17.62 23.18 -16.58
C VAL A 443 17.41 23.55 -15.11
N LEU A 444 17.19 22.53 -14.27
CA LEU A 444 17.03 22.75 -12.83
C LEU A 444 18.24 23.48 -12.25
N ALA A 445 19.44 22.95 -12.50
CA ALA A 445 20.70 23.58 -12.06
C ALA A 445 20.81 25.05 -12.50
N GLN A 446 20.48 25.31 -13.76
CA GLN A 446 20.45 26.69 -14.32
C GLN A 446 19.48 27.58 -13.57
N LEU A 447 18.31 27.05 -13.22
CA LEU A 447 17.28 27.81 -12.51
C LEU A 447 17.62 28.07 -11.04
N ILE A 448 18.14 27.04 -10.36
CA ILE A 448 18.70 27.17 -9.00
C ILE A 448 19.76 28.26 -9.00
N LYS A 449 20.73 28.19 -9.93
CA LYS A 449 21.84 29.15 -10.00
C LYS A 449 21.38 30.61 -10.17
N GLU A 450 20.36 30.85 -10.99
CA GLU A 450 19.79 32.20 -11.19
C GLU A 450 18.70 32.64 -10.17
N SER A 451 18.40 31.81 -9.16
CA SER A 451 17.50 32.16 -8.04
C SER A 451 18.21 32.60 -6.75
N LEU A 452 19.44 32.14 -6.51
CA LEU A 452 20.17 32.41 -5.24
C LEU A 452 20.43 33.91 -4.95
#